data_5KKR
#
_entry.id   5KKR
#
_cell.length_a   139.680
_cell.length_b   139.680
_cell.length_c   221.730
_cell.angle_alpha   90.00
_cell.angle_beta   90.00
_cell.angle_gamma   120.00
#
_symmetry.space_group_name_H-M   'P 61 2 2'
#
loop_
_entity.id
_entity.type
_entity.pdbx_description
1 polymer 'Kinase suppressor of Ras 2'
2 polymer 'Dual specificity mitogen-activated protein kinase kinase 1'
3 non-polymer 6,7-dimethoxy-~{N}-(2-methyl-4-phenoxy-phenyl)quinazolin-4-amine
#
loop_
_entity_poly.entity_id
_entity_poly.type
_entity_poly.pdbx_seq_one_letter_code
_entity_poly.pdbx_strand_id
1 'polypeptide(L)'
;GAEMNLSLLSARSFPRKASQTSIFLQEWDIPFEQLEIGELIGKGRFGQVYHGRWHGEVAIRLIDIERDNEDQLKAFKREV
MAYRQTRHENVVLFMGACMSPPHLAIITSLCKGRTLYSVVRDAKIVLDVNKTRQIAQEIVKGMGYLHAKGILHKDLKSKN
VFYDNGKVVITDFGLFSISGVLQAGRREDKLRIQNGWLCHLAPEIIRQLSPDTEEDKLPFSKHSDVFALGTIWYELHARE
WPFKTQPAEAIIWQMGTGMKPNLSQIGMGKEISDILLFCWAFEQEERPTFTKLMDMLEKLPKRNRRLSHPGHFWKSAEL
;
B
2 'polypeptide(L)'
;GAMPKKKPTPIQLNPAPDGSAVNGTSSAETNLEALQKKLEELELDEQQRKRLEAFLTQKQKVGELKDDDFEKISELGAGN
GGVVFKVSHKPSGLVMARKLIHLEIKPAIRNQIIRELQVLHECNSPYIVGFYGAFYSDGEISICMEHMDGGSLDQVLKKA
GRIPEQILGKVSIAVIKGLTYLREKHKIMHRDVKPSNILVNSRGEIKLCDFGVSGQLIDSMANSFVGTRSYMSPERLQGT
HYSVQSDIWSMGLSLVEMAVGRYPIPPPDAKELELMFGCQVEGDAAETPPRPRTPGRPLSSYGMDSRPPMAIFELLDYIV
NEPPPKLPSAVFSLEFQDFVNKCLIKNPAERADLKQLMVHAFIKRSDAEEVDFAGWLCSTIGLNQPSTPTHAAGV
;
C
#
loop_
_chem_comp.id
_chem_comp.type
_chem_comp.name
_chem_comp.formula
6U7 non-polymer 6,7-dimethoxy-~{N}-(2-methyl-4-phenoxy-phenyl)quinazolin-4-amine 'C23 H21 N3 O3'
#
# COMPACT_ATOMS: atom_id res chain seq x y z
N SER A 19 37.44 -1.38 -14.09
CA SER A 19 38.06 -0.23 -14.75
C SER A 19 37.25 1.04 -14.53
N GLN A 20 36.22 1.23 -15.35
CA GLN A 20 35.36 2.41 -15.22
C GLN A 20 34.14 2.11 -14.36
N THR A 21 34.36 1.38 -13.26
CA THR A 21 33.28 1.02 -12.35
C THR A 21 33.00 2.15 -11.36
N SER A 22 33.75 3.25 -11.50
CA SER A 22 33.57 4.40 -10.64
C SER A 22 33.82 5.69 -11.43
N ILE A 23 32.92 6.66 -11.28
CA ILE A 23 33.05 7.92 -11.99
C ILE A 23 33.41 9.06 -11.02
N PHE A 24 34.02 10.10 -11.56
CA PHE A 24 34.46 11.24 -10.75
C PHE A 24 33.82 12.54 -11.25
N LEU A 25 33.91 13.58 -10.43
CA LEU A 25 33.35 14.88 -10.79
C LEU A 25 34.19 15.58 -11.86
N GLN A 26 35.44 15.17 -11.98
CA GLN A 26 36.34 15.77 -12.97
C GLN A 26 36.01 15.29 -14.38
N GLU A 27 35.20 14.24 -14.48
CA GLU A 27 34.77 13.72 -15.76
C GLU A 27 33.65 14.56 -16.35
N TRP A 28 33.16 15.53 -15.59
CA TRP A 28 32.09 16.40 -16.04
C TRP A 28 32.63 17.72 -16.58
N ASP A 29 31.84 18.36 -17.43
CA ASP A 29 32.28 19.58 -18.11
C ASP A 29 32.21 20.82 -17.24
N ILE A 30 31.67 20.66 -16.04
CA ILE A 30 31.53 21.79 -15.11
C ILE A 30 32.63 21.78 -14.06
N PRO A 31 33.40 22.88 -13.98
CA PRO A 31 34.54 23.05 -13.07
C PRO A 31 34.19 22.79 -11.60
N PHE A 32 34.81 21.77 -11.01
CA PHE A 32 34.58 21.43 -9.62
C PHE A 32 35.90 21.42 -8.84
N GLU A 33 36.12 22.45 -8.03
CA GLU A 33 37.33 22.53 -7.22
C GLU A 33 37.00 22.28 -5.75
N GLN A 34 35.75 22.53 -5.38
CA GLN A 34 35.32 22.39 -3.99
C GLN A 34 33.81 22.24 -3.92
N LEU A 35 33.34 21.33 -3.07
CA LEU A 35 31.92 21.14 -2.86
C LEU A 35 31.61 20.99 -1.38
N GLU A 36 30.75 21.87 -0.86
CA GLU A 36 30.38 21.84 0.55
C GLU A 36 28.90 21.48 0.71
N ILE A 37 28.56 20.93 1.87
CA ILE A 37 27.21 20.45 2.13
C ILE A 37 26.56 21.22 3.29
N GLY A 38 25.35 21.73 3.05
CA GLY A 38 24.63 22.49 4.06
C GLY A 38 23.67 21.64 4.86
N GLU A 39 22.49 22.18 5.13
CA GLU A 39 21.49 21.48 5.93
C GLU A 39 20.77 20.39 5.13
N LEU A 40 20.08 19.51 5.84
CA LEU A 40 19.34 18.43 5.21
C LEU A 40 17.92 18.87 4.88
N ILE A 41 17.51 18.64 3.64
CA ILE A 41 16.17 19.00 3.20
C ILE A 41 15.49 17.84 2.48
N GLY A 42 15.93 16.62 2.77
CA GLY A 42 15.37 15.43 2.14
C GLY A 42 15.68 14.15 2.90
N PHE A 46 14.93 5.98 -0.69
CA PHE A 46 14.38 7.31 -0.90
C PHE A 46 15.45 8.28 -1.39
N GLY A 47 16.50 8.43 -0.59
CA GLY A 47 17.59 9.34 -0.94
C GLY A 47 17.61 10.58 -0.07
N GLN A 48 18.76 10.87 0.53
CA GLN A 48 18.91 12.02 1.40
C GLN A 48 19.32 13.27 0.61
N VAL A 49 18.40 14.21 0.47
CA VAL A 49 18.66 15.44 -0.28
C VAL A 49 19.26 16.51 0.62
N TYR A 50 20.48 16.93 0.30
CA TYR A 50 21.15 17.96 1.07
C TYR A 50 21.17 19.30 0.36
N HIS A 51 21.13 20.37 1.15
CA HIS A 51 21.16 21.73 0.62
C HIS A 51 22.60 22.21 0.46
N GLY A 52 23.31 21.62 -0.50
CA GLY A 52 24.70 21.94 -0.73
C GLY A 52 24.90 23.30 -1.37
N ARG A 53 26.15 23.61 -1.73
CA ARG A 53 26.49 24.90 -2.30
C ARG A 53 27.88 24.91 -2.95
N TRP A 54 27.98 25.53 -4.12
CA TRP A 54 29.27 25.89 -4.69
C TRP A 54 29.12 27.14 -5.58
N HIS A 55 29.33 28.30 -4.96
CA HIS A 55 29.12 29.60 -5.60
C HIS A 55 27.78 29.68 -6.31
N GLY A 56 26.73 29.26 -5.61
CA GLY A 56 25.40 29.17 -6.17
C GLY A 56 24.70 27.98 -5.54
N GLU A 57 23.48 28.21 -5.06
CA GLU A 57 22.74 27.18 -4.35
C GLU A 57 22.52 25.93 -5.20
N VAL A 58 22.91 24.78 -4.65
CA VAL A 58 22.90 23.52 -5.39
C VAL A 58 22.41 22.35 -4.54
N ALA A 59 21.47 21.59 -5.06
CA ALA A 59 20.93 20.42 -4.35
C ALA A 59 21.84 19.21 -4.52
N ILE A 60 21.99 18.42 -3.46
CA ILE A 60 22.86 17.24 -3.48
C ILE A 60 22.16 16.02 -2.90
N ARG A 61 22.06 14.95 -3.70
CA ARG A 61 21.44 13.72 -3.23
C ARG A 61 22.48 12.66 -2.87
N LEU A 62 22.28 12.00 -1.75
CA LEU A 62 23.19 10.97 -1.27
C LEU A 62 22.51 9.61 -1.20
N ILE A 63 22.83 8.73 -2.16
CA ILE A 63 22.24 7.40 -2.20
C ILE A 63 23.31 6.32 -2.20
N ASP A 64 23.22 5.40 -1.24
CA ASP A 64 24.12 4.25 -1.21
C ASP A 64 23.60 3.16 -2.15
N ILE A 65 24.38 2.87 -3.19
CA ILE A 65 23.98 1.90 -4.20
C ILE A 65 23.98 0.48 -3.64
N GLU A 66 23.32 -0.43 -4.35
CA GLU A 66 23.28 -1.83 -3.93
C GLU A 66 24.65 -2.48 -4.03
N ARG A 67 24.92 -3.44 -3.15
CA ARG A 67 26.21 -4.12 -3.11
C ARG A 67 26.46 -4.91 -4.39
N ASP A 68 27.74 -5.16 -4.69
CA ASP A 68 28.14 -5.91 -5.87
C ASP A 68 27.60 -5.29 -7.15
N ASN A 69 26.99 -6.12 -7.99
CA ASN A 69 26.46 -5.70 -9.28
C ASN A 69 27.51 -4.95 -10.10
N GLU A 70 28.59 -5.66 -10.44
CA GLU A 70 29.66 -5.10 -11.25
C GLU A 70 29.21 -4.89 -12.69
N ASP A 71 28.03 -5.42 -13.01
CA ASP A 71 27.45 -5.27 -14.33
C ASP A 71 26.77 -3.91 -14.48
N GLN A 72 26.87 -3.09 -13.43
CA GLN A 72 26.29 -1.76 -13.44
C GLN A 72 27.22 -0.75 -14.10
N LEU A 73 28.15 -1.25 -14.90
CA LEU A 73 28.98 -0.40 -15.74
C LEU A 73 28.07 0.35 -16.71
N LYS A 74 27.40 -0.39 -17.59
CA LYS A 74 26.52 0.18 -18.59
C LYS A 74 25.30 0.85 -17.94
N ALA A 75 25.09 0.58 -16.65
CA ALA A 75 23.96 1.12 -15.93
C ALA A 75 24.29 2.44 -15.25
N PHE A 76 25.55 2.85 -15.32
CA PHE A 76 25.97 4.13 -14.72
C PHE A 76 27.06 4.81 -15.54
N LYS A 77 28.11 4.07 -15.86
CA LYS A 77 29.20 4.61 -16.67
C LYS A 77 28.67 5.03 -18.05
N ARG A 78 27.53 4.46 -18.43
CA ARG A 78 26.91 4.81 -19.70
C ARG A 78 25.58 5.56 -19.51
N GLU A 79 24.89 5.28 -18.42
CA GLU A 79 23.55 5.85 -18.20
C GLU A 79 23.61 7.26 -17.62
N VAL A 80 24.04 7.37 -16.36
CA VAL A 80 24.03 8.66 -15.67
C VAL A 80 25.08 9.61 -16.26
N MET A 81 26.09 9.04 -16.92
CA MET A 81 27.12 9.84 -17.57
C MET A 81 26.60 10.45 -18.86
N ALA A 82 25.52 9.88 -19.38
CA ALA A 82 24.89 10.40 -20.60
C ALA A 82 24.05 11.63 -20.31
N TYR A 83 23.96 12.00 -19.03
CA TYR A 83 23.23 13.20 -18.64
C TYR A 83 24.06 14.43 -18.94
N ARG A 84 25.33 14.21 -19.25
CA ARG A 84 26.15 15.27 -19.81
C ARG A 84 25.63 15.55 -21.21
N GLN A 85 25.75 16.80 -21.66
CA GLN A 85 25.20 17.25 -22.94
C GLN A 85 23.68 17.15 -22.95
N THR A 86 23.06 17.36 -21.79
CA THR A 86 21.61 17.41 -21.67
C THR A 86 21.18 18.70 -20.98
N ARG A 87 21.10 19.78 -21.76
CA ARG A 87 20.80 21.09 -21.22
C ARG A 87 19.49 21.64 -21.77
N HIS A 88 18.59 22.04 -20.88
CA HIS A 88 17.28 22.55 -21.28
C HIS A 88 16.71 23.47 -20.20
N GLU A 89 15.81 24.36 -20.59
CA GLU A 89 15.23 25.33 -19.66
C GLU A 89 14.08 24.72 -18.85
N ASN A 90 13.54 23.62 -19.34
CA ASN A 90 12.46 22.93 -18.65
C ASN A 90 12.95 21.68 -17.93
N VAL A 91 14.26 21.44 -18.02
CA VAL A 91 14.89 20.33 -17.33
C VAL A 91 15.95 20.86 -16.36
N VAL A 92 15.99 20.30 -15.15
CA VAL A 92 16.94 20.74 -14.14
C VAL A 92 18.37 20.54 -14.62
N LEU A 93 19.24 21.50 -14.29
CA LEU A 93 20.62 21.45 -14.70
C LEU A 93 21.38 20.38 -13.95
N PHE A 94 21.55 19.22 -14.59
CA PHE A 94 22.29 18.11 -14.00
C PHE A 94 23.77 18.48 -13.88
N MET A 95 24.15 18.95 -12.70
CA MET A 95 25.53 19.37 -12.43
C MET A 95 26.53 18.25 -12.68
N GLY A 96 26.21 17.07 -12.20
CA GLY A 96 27.09 15.91 -12.36
C GLY A 96 26.95 14.94 -11.20
N ALA A 97 27.82 13.93 -11.18
CA ALA A 97 27.79 12.92 -10.13
C ALA A 97 29.09 12.14 -10.06
N CYS A 98 29.45 11.72 -8.87
CA CYS A 98 30.61 10.85 -8.67
C CYS A 98 30.22 9.69 -7.76
N MET A 99 30.79 8.52 -8.01
CA MET A 99 30.45 7.35 -7.22
C MET A 99 31.67 6.52 -6.84
N SER A 100 31.86 6.34 -5.54
CA SER A 100 32.76 5.33 -5.03
C SER A 100 32.06 3.99 -5.25
N PRO A 101 32.81 2.88 -5.28
CA PRO A 101 32.16 1.57 -5.41
C PRO A 101 30.97 1.33 -4.45
N PRO A 102 31.01 1.84 -3.21
CA PRO A 102 29.78 1.67 -2.44
C PRO A 102 28.84 2.88 -2.45
N HIS A 103 29.37 4.09 -2.55
CA HIS A 103 28.56 5.30 -2.40
C HIS A 103 28.25 5.99 -3.73
N LEU A 104 27.33 6.95 -3.68
CA LEU A 104 26.92 7.70 -4.86
C LEU A 104 26.34 9.05 -4.46
N ALA A 105 26.74 10.10 -5.17
CA ALA A 105 26.26 11.45 -4.89
C ALA A 105 25.87 12.17 -6.17
N ILE A 106 24.58 12.44 -6.32
CA ILE A 106 24.07 13.15 -7.50
C ILE A 106 24.00 14.66 -7.22
N ILE A 107 24.63 15.43 -8.10
CA ILE A 107 24.65 16.88 -7.96
C ILE A 107 23.77 17.53 -9.02
N THR A 108 22.88 18.42 -8.59
CA THR A 108 21.97 19.08 -9.52
C THR A 108 21.64 20.51 -9.06
N SER A 109 21.21 21.34 -10.00
CA SER A 109 20.85 22.72 -9.69
C SER A 109 19.66 22.80 -8.76
N LEU A 110 19.74 23.69 -7.77
CA LEU A 110 18.66 23.84 -6.80
C LEU A 110 17.50 24.63 -7.39
N CYS A 111 16.29 24.08 -7.25
CA CYS A 111 15.09 24.75 -7.75
C CYS A 111 14.63 25.81 -6.76
N LYS A 112 14.66 27.06 -7.19
CA LYS A 112 14.31 28.18 -6.31
C LYS A 112 12.81 28.36 -6.19
N GLY A 113 12.13 27.34 -5.67
CA GLY A 113 10.69 27.40 -5.48
C GLY A 113 10.14 26.14 -4.83
N ARG A 114 8.85 25.90 -5.06
CA ARG A 114 8.18 24.73 -4.52
C ARG A 114 7.83 23.73 -5.62
N THR A 115 7.43 22.52 -5.23
CA THR A 115 7.07 21.49 -6.18
C THR A 115 5.64 21.66 -6.70
N LEU A 116 5.39 21.21 -7.92
CA LEU A 116 4.07 21.28 -8.53
C LEU A 116 3.05 20.48 -7.73
N TYR A 117 3.54 19.42 -7.09
CA TYR A 117 2.72 18.59 -6.21
C TYR A 117 2.11 19.41 -5.08
N SER A 118 2.96 20.17 -4.38
CA SER A 118 2.52 20.90 -3.19
C SER A 118 1.75 22.18 -3.54
N VAL A 119 1.77 22.58 -4.80
CA VAL A 119 1.12 23.81 -5.20
C VAL A 119 -0.24 23.54 -5.84
N VAL A 120 -0.46 22.31 -6.28
CA VAL A 120 -1.72 21.94 -6.91
C VAL A 120 -2.74 21.56 -5.83
N ARG A 121 -2.25 21.39 -4.61
CA ARG A 121 -3.11 21.03 -3.48
C ARG A 121 -3.15 22.15 -2.46
N ASP A 122 -2.38 23.19 -2.70
CA ASP A 122 -2.35 24.36 -1.82
C ASP A 122 -3.43 25.35 -2.21
N ALA A 123 -4.59 25.26 -1.56
CA ALA A 123 -5.69 26.17 -1.82
C ALA A 123 -5.33 27.59 -1.40
N LYS A 124 -5.58 28.55 -2.29
CA LYS A 124 -6.20 28.27 -3.58
C LYS A 124 -5.43 28.95 -4.72
N ILE A 125 -5.04 28.15 -5.71
CA ILE A 125 -4.32 28.65 -6.87
C ILE A 125 -5.26 28.82 -8.06
N VAL A 126 -5.03 29.86 -8.86
CA VAL A 126 -5.88 30.17 -10.00
C VAL A 126 -6.03 29.00 -10.97
N LEU A 127 -4.92 28.66 -11.63
CA LEU A 127 -4.85 27.60 -12.65
C LEU A 127 -6.11 27.48 -13.52
N ASP A 128 -6.44 28.57 -14.21
CA ASP A 128 -7.60 28.59 -15.10
C ASP A 128 -7.32 27.85 -16.40
N VAL A 129 -8.04 28.23 -17.46
CA VAL A 129 -7.86 27.60 -18.76
C VAL A 129 -6.47 27.89 -19.33
N ASN A 130 -6.07 29.17 -19.27
CA ASN A 130 -4.77 29.58 -19.78
C ASN A 130 -3.61 29.00 -18.97
N LYS A 131 -3.66 29.19 -17.65
CA LYS A 131 -2.59 28.76 -16.76
C LYS A 131 -2.32 27.26 -16.85
N THR A 132 -3.37 26.47 -16.63
CA THR A 132 -3.27 25.01 -16.67
C THR A 132 -2.72 24.51 -17.98
N ARG A 133 -3.18 25.11 -19.08
CA ARG A 133 -2.72 24.74 -20.41
C ARG A 133 -1.24 25.09 -20.58
N GLN A 134 -0.85 26.23 -20.03
CA GLN A 134 0.54 26.69 -20.11
C GLN A 134 1.48 25.79 -19.32
N ILE A 135 1.07 25.42 -18.11
CA ILE A 135 1.87 24.55 -17.26
C ILE A 135 2.06 23.17 -17.90
N ALA A 136 0.99 22.67 -18.52
CA ALA A 136 1.04 21.41 -19.23
C ALA A 136 1.96 21.50 -20.44
N GLN A 137 1.99 22.68 -21.06
CA GLN A 137 2.85 22.91 -22.22
C GLN A 137 4.32 22.96 -21.82
N GLU A 138 4.58 23.31 -20.57
CA GLU A 138 5.96 23.36 -20.08
C GLU A 138 6.50 21.96 -19.84
N ILE A 139 5.65 21.07 -19.33
CA ILE A 139 6.04 19.70 -19.05
C ILE A 139 6.38 18.95 -20.33
N VAL A 140 5.50 19.07 -21.31
CA VAL A 140 5.65 18.36 -22.58
C VAL A 140 6.88 18.85 -23.35
N LYS A 141 7.25 20.10 -23.12
CA LYS A 141 8.45 20.66 -23.74
C LYS A 141 9.71 20.04 -23.16
N GLY A 142 9.74 19.89 -21.84
CA GLY A 142 10.86 19.26 -21.17
C GLY A 142 10.94 17.78 -21.50
N MET A 143 9.78 17.12 -21.52
CA MET A 143 9.70 15.73 -21.89
C MET A 143 9.99 15.54 -23.37
N GLY A 144 9.74 16.59 -24.15
CA GLY A 144 10.02 16.56 -25.58
C GLY A 144 11.50 16.56 -25.87
N TYR A 145 12.26 17.27 -25.06
CA TYR A 145 13.72 17.29 -25.20
C TYR A 145 14.29 15.93 -24.79
N LEU A 146 13.64 15.29 -23.84
CA LEU A 146 14.02 13.95 -23.43
C LEU A 146 13.53 12.93 -24.47
N HIS A 147 12.47 13.30 -25.17
CA HIS A 147 11.93 12.47 -26.25
C HIS A 147 12.90 12.42 -27.42
N ALA A 148 13.66 13.50 -27.60
CA ALA A 148 14.63 13.60 -28.68
C ALA A 148 15.94 12.91 -28.29
N LYS A 149 16.36 13.07 -27.04
CA LYS A 149 17.61 12.49 -26.58
C LYS A 149 17.46 10.99 -26.31
N GLY A 150 16.23 10.50 -26.34
CA GLY A 150 15.97 9.09 -26.16
C GLY A 150 16.16 8.63 -24.72
N ILE A 151 15.52 9.33 -23.80
CA ILE A 151 15.61 8.99 -22.38
C ILE A 151 14.22 8.99 -21.74
N LEU A 152 13.86 7.86 -21.15
CA LEU A 152 12.53 7.70 -20.55
C LEU A 152 12.52 8.14 -19.10
N HIS A 153 11.56 8.99 -18.75
CA HIS A 153 11.45 9.50 -17.39
C HIS A 153 11.00 8.40 -16.42
N LYS A 154 10.20 7.47 -16.92
CA LYS A 154 9.67 6.35 -16.13
C LYS A 154 8.86 6.84 -14.92
N ASP A 155 9.55 7.36 -13.91
CA ASP A 155 8.90 7.86 -12.71
C ASP A 155 8.54 9.33 -12.84
N LEU A 156 7.61 9.63 -13.74
CA LEU A 156 7.17 11.01 -13.94
C LEU A 156 5.96 11.33 -13.08
N LYS A 157 6.22 11.92 -11.91
CA LYS A 157 5.15 12.32 -11.00
C LYS A 157 4.99 13.83 -10.98
N SER A 158 4.04 14.31 -10.20
CA SER A 158 3.87 15.74 -9.99
C SER A 158 4.83 16.22 -8.92
N LYS A 159 5.43 15.28 -8.21
CA LYS A 159 6.39 15.60 -7.15
C LYS A 159 7.78 15.82 -7.73
N ASN A 160 7.91 15.58 -9.03
CA ASN A 160 9.18 15.77 -9.72
C ASN A 160 9.13 16.99 -10.65
N VAL A 161 8.30 17.96 -10.29
CA VAL A 161 8.17 19.19 -11.07
C VAL A 161 8.13 20.39 -10.13
N PHE A 162 8.96 21.40 -10.41
CA PHE A 162 9.03 22.58 -9.54
C PHE A 162 8.43 23.83 -10.19
N TYR A 163 7.80 24.66 -9.36
CA TYR A 163 7.13 25.87 -9.82
C TYR A 163 7.50 27.05 -8.91
N ASP A 164 7.77 28.21 -9.51
CA ASP A 164 8.21 29.36 -8.74
C ASP A 164 7.86 30.69 -9.42
N ASN A 165 8.50 30.94 -10.56
CA ASN A 165 8.34 32.19 -11.29
C ASN A 165 6.91 32.57 -11.77
N GLY A 166 6.09 31.65 -12.28
CA GLY A 166 6.32 30.22 -12.34
C GLY A 166 7.22 29.71 -13.44
N LYS A 167 8.34 29.11 -13.05
CA LYS A 167 9.25 28.48 -13.99
C LYS A 167 9.23 26.98 -13.78
N VAL A 168 8.68 26.25 -14.74
CA VAL A 168 8.50 24.81 -14.61
C VAL A 168 9.73 24.03 -15.05
N VAL A 169 10.25 23.19 -14.15
CA VAL A 169 11.38 22.33 -14.46
C VAL A 169 11.08 20.88 -14.06
N ILE A 170 11.85 19.95 -14.62
CA ILE A 170 11.64 18.53 -14.38
C ILE A 170 12.89 17.86 -13.82
N THR A 171 12.73 17.13 -12.72
CA THR A 171 13.85 16.43 -12.07
C THR A 171 13.53 14.96 -11.83
N ASP A 172 14.50 14.24 -11.25
CA ASP A 172 14.37 12.81 -10.96
C ASP A 172 13.95 12.02 -12.20
N PHE A 173 14.56 12.36 -13.33
CA PHE A 173 14.20 11.75 -14.61
C PHE A 173 15.19 10.67 -15.03
N GLY A 174 14.66 9.57 -15.56
CA GLY A 174 15.49 8.52 -16.13
C GLY A 174 16.20 7.63 -15.14
N LEU A 175 16.52 8.17 -13.98
CA LEU A 175 17.24 7.39 -12.97
C LEU A 175 16.29 6.46 -12.21
N PHE A 176 16.16 5.23 -12.70
CA PHE A 176 15.40 4.21 -11.99
C PHE A 176 16.34 3.37 -11.14
N SER A 177 15.85 2.22 -10.66
CA SER A 177 16.61 1.30 -9.81
C SER A 177 17.12 1.95 -8.51
N ILE A 178 17.96 2.98 -8.64
CA ILE A 178 18.47 3.69 -7.46
C ILE A 178 17.36 4.45 -6.75
N SER A 179 16.41 4.93 -7.52
CA SER A 179 15.27 5.64 -6.97
C SER A 179 14.12 4.68 -6.73
N GLY A 180 13.01 5.21 -6.25
CA GLY A 180 11.84 4.40 -6.02
C GLY A 180 11.16 4.01 -7.33
N VAL A 181 9.99 3.44 -7.20
CA VAL A 181 9.37 3.26 -5.90
C VAL A 181 8.91 1.82 -5.79
N LEU A 182 9.80 0.91 -6.21
CA LEU A 182 9.53 -0.51 -6.10
C LEU A 182 10.52 -1.16 -5.15
N GLN A 183 10.13 -2.33 -4.64
CA GLN A 183 10.94 -3.12 -3.73
C GLN A 183 10.39 -4.55 -3.66
N ASP A 189 7.74 -10.99 1.15
CA ASP A 189 7.55 -11.14 -0.29
C ASP A 189 6.21 -10.56 -0.72
N LYS A 190 5.97 -9.30 -0.37
CA LYS A 190 4.71 -8.65 -0.68
C LYS A 190 4.83 -7.59 -1.77
N LEU A 191 6.04 -7.04 -1.92
CA LEU A 191 6.34 -6.01 -2.92
C LEU A 191 5.61 -4.69 -2.61
N ARG A 192 6.39 -3.62 -2.42
CA ARG A 192 5.84 -2.33 -2.04
C ARG A 192 5.71 -1.37 -3.23
N ILE A 193 4.54 -0.77 -3.37
CA ILE A 193 4.29 0.20 -4.44
C ILE A 193 3.83 1.54 -3.85
N GLN A 194 4.29 2.63 -4.45
CA GLN A 194 3.91 3.96 -3.99
C GLN A 194 2.44 4.25 -4.26
N ASN A 195 1.99 5.43 -3.85
CA ASN A 195 0.62 5.84 -4.07
C ASN A 195 0.43 6.51 -5.43
N GLY A 196 1.13 7.62 -5.65
CA GLY A 196 0.98 8.40 -6.86
C GLY A 196 1.52 7.72 -8.11
N TRP A 197 2.65 7.04 -7.97
CA TRP A 197 3.30 6.39 -9.10
C TRP A 197 2.48 5.21 -9.64
N LEU A 198 1.63 4.65 -8.77
CA LEU A 198 0.79 3.53 -9.16
C LEU A 198 -0.22 3.93 -10.22
N CYS A 199 -0.70 5.17 -10.15
CA CYS A 199 -1.68 5.67 -11.11
C CYS A 199 -1.00 6.48 -12.22
N HIS A 200 0.32 6.60 -12.14
CA HIS A 200 1.09 7.27 -13.19
C HIS A 200 1.52 6.26 -14.25
N LEU A 201 1.33 4.98 -13.96
CA LEU A 201 1.76 3.92 -14.86
C LEU A 201 0.75 3.64 -15.97
N ALA A 202 1.25 3.21 -17.12
CA ALA A 202 0.41 2.80 -18.24
C ALA A 202 0.03 1.33 -18.09
N PRO A 203 -1.20 0.96 -18.49
CA PRO A 203 -1.78 -0.38 -18.34
C PRO A 203 -0.84 -1.54 -18.67
N GLU A 204 0.13 -1.31 -19.56
CA GLU A 204 1.09 -2.35 -19.91
C GLU A 204 2.10 -2.56 -18.79
N ILE A 205 2.18 -1.59 -17.88
CA ILE A 205 3.17 -1.61 -16.82
C ILE A 205 2.52 -1.81 -15.46
N ILE A 206 1.21 -1.64 -15.39
CA ILE A 206 0.49 -1.81 -14.13
C ILE A 206 0.20 -3.28 -13.89
N ARG A 207 0.81 -4.13 -14.72
CA ARG A 207 0.69 -5.58 -14.56
C ARG A 207 2.03 -6.18 -14.17
N GLN A 208 2.47 -5.91 -12.94
CA GLN A 208 3.72 -6.45 -12.44
C GLN A 208 3.50 -7.61 -11.49
N LEU A 209 4.53 -8.42 -11.30
CA LEU A 209 4.53 -9.47 -10.30
C LEU A 209 5.24 -8.98 -9.04
N SER A 210 5.63 -9.90 -8.16
CA SER A 210 6.34 -9.53 -6.94
C SER A 210 7.86 -9.45 -7.16
N PRO A 211 8.46 -10.43 -7.86
CA PRO A 211 9.88 -10.21 -8.12
C PRO A 211 10.16 -9.59 -9.50
N ASP A 212 10.57 -8.33 -9.51
CA ASP A 212 10.92 -7.65 -10.76
C ASP A 212 12.37 -7.21 -10.76
N ASP A 216 13.58 -2.99 -11.73
CA ASP A 216 13.04 -2.47 -12.97
C ASP A 216 12.86 -3.56 -14.02
N LYS A 217 13.44 -3.34 -15.20
CA LYS A 217 13.32 -4.27 -16.32
C LYS A 217 11.86 -4.53 -16.67
N LEU A 218 11.07 -3.46 -16.64
CA LEU A 218 9.65 -3.53 -16.98
C LEU A 218 9.42 -2.88 -18.34
N PRO A 219 8.30 -3.22 -19.00
CA PRO A 219 8.01 -2.62 -20.32
C PRO A 219 7.81 -1.11 -20.27
N PHE A 220 8.88 -0.36 -20.01
CA PHE A 220 8.83 1.09 -20.06
C PHE A 220 9.07 1.58 -21.48
N SER A 221 8.11 2.32 -22.01
CA SER A 221 8.23 2.84 -23.37
C SER A 221 8.17 4.36 -23.37
N LYS A 222 8.08 4.95 -24.56
CA LYS A 222 7.93 6.39 -24.68
C LYS A 222 6.48 6.77 -24.40
N HIS A 223 5.58 5.84 -24.67
CA HIS A 223 4.16 6.05 -24.41
C HIS A 223 3.86 5.85 -22.93
N SER A 224 4.84 5.30 -22.22
CA SER A 224 4.76 5.17 -20.78
C SER A 224 4.81 6.54 -20.12
N ASP A 225 5.64 7.41 -20.67
CA ASP A 225 5.83 8.75 -20.14
C ASP A 225 4.66 9.66 -20.50
N VAL A 226 4.09 9.47 -21.68
CA VAL A 226 2.99 10.30 -22.13
C VAL A 226 1.71 9.92 -21.40
N PHE A 227 1.69 8.72 -20.82
CA PHE A 227 0.59 8.31 -19.97
C PHE A 227 0.71 9.02 -18.63
N ALA A 228 1.91 9.01 -18.08
CA ALA A 228 2.19 9.63 -16.79
C ALA A 228 1.82 11.11 -16.80
N LEU A 229 2.07 11.76 -17.94
CA LEU A 229 1.68 13.16 -18.12
C LEU A 229 0.17 13.29 -18.12
N GLY A 230 -0.51 12.28 -18.66
CA GLY A 230 -1.96 12.28 -18.73
C GLY A 230 -2.61 12.37 -17.37
N THR A 231 -2.08 11.61 -16.42
CA THR A 231 -2.59 11.63 -15.05
C THR A 231 -2.16 12.92 -14.34
N ILE A 232 -1.06 13.51 -14.79
CA ILE A 232 -0.65 14.82 -14.30
C ILE A 232 -1.57 15.88 -14.88
N TRP A 233 -1.95 15.70 -16.14
CA TRP A 233 -2.89 16.60 -16.80
C TRP A 233 -4.27 16.50 -16.14
N TYR A 234 -4.58 15.32 -15.63
CA TYR A 234 -5.77 15.12 -14.82
C TYR A 234 -5.57 15.81 -13.47
N GLU A 235 -4.36 15.70 -12.95
CA GLU A 235 -4.02 16.26 -11.64
C GLU A 235 -4.09 17.78 -11.64
N LEU A 236 -3.85 18.39 -12.78
CA LEU A 236 -3.89 19.85 -12.89
C LEU A 236 -5.31 20.38 -12.80
N HIS A 237 -6.22 19.77 -13.54
CA HIS A 237 -7.61 20.24 -13.61
C HIS A 237 -8.42 19.79 -12.38
N ALA A 238 -8.23 18.55 -11.97
CA ALA A 238 -8.98 18.00 -10.84
C ALA A 238 -8.23 18.21 -9.52
N ARG A 239 -7.17 19.00 -9.58
CA ARG A 239 -6.35 19.36 -8.41
C ARG A 239 -5.65 18.18 -7.75
N GLU A 240 -5.85 16.96 -8.28
CA GLU A 240 -5.14 15.78 -7.80
C GLU A 240 -5.23 14.60 -8.76
N TRP A 241 -4.44 13.58 -8.48
CA TRP A 241 -4.38 12.37 -9.30
C TRP A 241 -5.57 11.45 -9.01
N PRO A 242 -5.95 10.62 -10.01
CA PRO A 242 -7.14 9.77 -9.90
C PRO A 242 -7.05 8.70 -8.82
N PHE A 243 -8.14 7.95 -8.64
CA PHE A 243 -8.20 6.87 -7.67
C PHE A 243 -7.82 7.36 -6.29
N LYS A 244 -8.57 8.35 -5.83
CA LYS A 244 -8.24 9.12 -4.64
C LYS A 244 -8.46 8.37 -3.34
N THR A 245 -9.38 7.40 -3.35
CA THR A 245 -9.74 6.71 -2.13
C THR A 245 -9.57 5.20 -2.23
N GLN A 246 -9.54 4.69 -3.46
CA GLN A 246 -9.48 3.25 -3.69
C GLN A 246 -8.12 2.66 -3.29
N PRO A 247 -8.15 1.46 -2.68
CA PRO A 247 -6.95 0.75 -2.24
C PRO A 247 -6.07 0.29 -3.39
N ALA A 248 -4.83 -0.10 -3.10
CA ALA A 248 -3.83 -0.43 -4.10
C ALA A 248 -4.30 -1.50 -5.10
N GLU A 249 -4.85 -2.59 -4.58
CA GLU A 249 -5.31 -3.68 -5.43
C GLU A 249 -6.43 -3.24 -6.36
N ALA A 250 -7.22 -2.28 -5.94
CA ALA A 250 -8.29 -1.74 -6.76
C ALA A 250 -7.72 -0.98 -7.95
N ILE A 251 -6.61 -0.28 -7.73
CA ILE A 251 -5.99 0.51 -8.79
C ILE A 251 -5.41 -0.40 -9.85
N ILE A 252 -4.76 -1.46 -9.41
CA ILE A 252 -4.06 -2.38 -10.30
C ILE A 252 -5.02 -3.05 -11.29
N TRP A 253 -6.19 -3.45 -10.80
CA TRP A 253 -7.15 -4.14 -11.65
C TRP A 253 -7.90 -3.17 -12.57
N GLN A 254 -8.40 -2.08 -11.99
CA GLN A 254 -9.16 -1.10 -12.77
C GLN A 254 -8.32 -0.49 -13.89
N MET A 255 -7.13 0.00 -13.54
CA MET A 255 -6.23 0.56 -14.53
C MET A 255 -5.68 -0.53 -15.44
N GLY A 256 -5.65 -1.75 -14.94
CA GLY A 256 -5.18 -2.89 -15.71
C GLY A 256 -6.17 -3.26 -16.80
N THR A 257 -7.46 -3.15 -16.51
CA THR A 257 -8.50 -3.45 -17.48
C THR A 257 -8.86 -2.20 -18.30
N GLY A 258 -8.10 -1.13 -18.09
CA GLY A 258 -8.28 0.09 -18.85
C GLY A 258 -9.53 0.86 -18.47
N MET A 259 -9.88 0.83 -17.19
CA MET A 259 -11.03 1.57 -16.70
C MET A 259 -10.62 2.99 -16.31
N LYS A 260 -10.47 3.84 -17.33
CA LYS A 260 -10.05 5.22 -17.12
C LYS A 260 -11.12 6.01 -16.37
N PRO A 261 -10.70 6.75 -15.32
CA PRO A 261 -11.59 7.54 -14.46
C PRO A 261 -12.39 8.59 -15.22
N ASN A 262 -13.46 9.07 -14.60
CA ASN A 262 -14.29 10.11 -15.22
C ASN A 262 -13.55 11.43 -15.34
N LEU A 263 -14.12 12.34 -16.12
CA LEU A 263 -13.54 13.65 -16.31
C LEU A 263 -14.64 14.70 -16.34
N SER A 264 -15.87 14.25 -16.58
CA SER A 264 -17.02 15.14 -16.57
C SER A 264 -17.51 15.38 -15.15
N GLN A 265 -16.56 15.52 -14.23
CA GLN A 265 -16.87 15.83 -12.84
C GLN A 265 -17.09 17.33 -12.67
N ILE A 266 -17.12 18.03 -13.82
CA ILE A 266 -17.45 19.45 -13.90
C ILE A 266 -16.38 20.35 -13.29
N GLY A 267 -15.90 21.31 -14.08
CA GLY A 267 -16.43 21.55 -15.42
C GLY A 267 -15.37 21.55 -16.49
N MET A 268 -15.45 20.58 -17.39
CA MET A 268 -14.48 20.46 -18.46
C MET A 268 -15.15 20.60 -19.83
N GLY A 269 -15.84 19.54 -20.25
CA GLY A 269 -16.53 19.55 -21.52
C GLY A 269 -15.63 19.11 -22.66
N LYS A 270 -15.84 19.70 -23.83
CA LYS A 270 -15.03 19.39 -25.01
C LYS A 270 -13.64 19.98 -24.87
N GLU A 271 -12.88 19.94 -25.97
CA GLU A 271 -11.51 20.44 -26.01
C GLU A 271 -10.66 19.77 -24.94
N ILE A 272 -10.90 20.15 -23.68
CA ILE A 272 -10.27 19.49 -22.54
C ILE A 272 -10.85 18.09 -22.39
N SER A 273 -10.24 17.28 -21.53
CA SER A 273 -10.70 15.92 -21.22
C SER A 273 -10.60 14.95 -22.41
N ASP A 274 -10.65 15.48 -23.63
CA ASP A 274 -10.50 14.66 -24.82
C ASP A 274 -9.06 14.19 -24.97
N ILE A 275 -8.13 15.05 -24.58
CA ILE A 275 -6.71 14.72 -24.60
C ILE A 275 -6.41 13.66 -23.55
N LEU A 276 -7.17 13.67 -22.47
CA LEU A 276 -7.05 12.68 -21.41
C LEU A 276 -7.26 11.28 -21.97
N LEU A 277 -8.24 11.14 -22.86
CA LEU A 277 -8.54 9.85 -23.48
C LEU A 277 -7.38 9.37 -24.35
N PHE A 278 -6.67 10.33 -24.94
CA PHE A 278 -5.53 10.01 -25.79
C PHE A 278 -4.32 9.56 -24.97
N CYS A 279 -4.05 10.29 -23.89
CA CYS A 279 -2.90 9.99 -23.04
C CYS A 279 -3.17 8.79 -22.13
N TRP A 280 -4.42 8.35 -22.10
CA TRP A 280 -4.79 7.20 -21.27
C TRP A 280 -5.31 6.04 -22.12
N ALA A 281 -4.94 6.03 -23.40
CA ALA A 281 -5.34 4.96 -24.30
C ALA A 281 -4.79 3.63 -23.81
N PHE A 282 -5.62 2.58 -23.86
CA PHE A 282 -5.22 1.26 -23.41
C PHE A 282 -4.04 0.74 -24.22
N GLU A 283 -4.13 0.91 -25.54
CA GLU A 283 -3.01 0.58 -26.42
C GLU A 283 -2.03 1.74 -26.46
N GLN A 284 -0.76 1.45 -26.18
CA GLN A 284 0.27 2.47 -26.11
C GLN A 284 0.50 3.17 -27.44
N GLU A 285 0.29 2.45 -28.54
CA GLU A 285 0.47 3.00 -29.88
C GLU A 285 -0.58 4.06 -30.19
N GLU A 286 -1.70 4.00 -29.48
CA GLU A 286 -2.80 4.94 -29.69
C GLU A 286 -2.51 6.29 -29.03
N ARG A 287 -1.57 6.29 -28.09
CA ARG A 287 -1.18 7.53 -27.40
C ARG A 287 -0.21 8.36 -28.24
N PRO A 288 -0.44 9.67 -28.30
CA PRO A 288 0.40 10.59 -29.07
C PRO A 288 1.79 10.74 -28.45
N THR A 289 2.78 11.11 -29.26
CA THR A 289 4.09 11.45 -28.76
C THR A 289 4.07 12.88 -28.22
N PHE A 290 5.04 13.23 -27.40
CA PHE A 290 5.10 14.55 -26.81
C PHE A 290 5.17 15.65 -27.86
N THR A 291 5.93 15.40 -28.92
CA THR A 291 6.03 16.34 -30.03
C THR A 291 4.68 16.48 -30.74
N LYS A 292 3.98 15.36 -30.89
CA LYS A 292 2.64 15.36 -31.47
C LYS A 292 1.63 15.95 -30.49
N LEU A 293 1.88 15.72 -29.21
CA LEU A 293 0.98 16.18 -28.15
C LEU A 293 0.94 17.69 -28.05
N MET A 294 2.09 18.32 -28.30
CA MET A 294 2.22 19.78 -28.20
C MET A 294 1.22 20.51 -29.08
N ASP A 295 0.90 19.92 -30.23
CA ASP A 295 -0.03 20.54 -31.17
C ASP A 295 -1.46 20.46 -30.63
N MET A 296 -1.74 19.46 -29.81
CA MET A 296 -3.07 19.28 -29.23
C MET A 296 -3.33 20.27 -28.10
N LEU A 297 -2.27 20.78 -27.51
CA LEU A 297 -2.38 21.73 -26.40
C LEU A 297 -2.43 23.16 -26.92
N GLU A 298 -1.70 23.41 -28.00
CA GLU A 298 -1.59 24.74 -28.58
C GLU A 298 -2.90 25.17 -29.25
N LYS A 299 -3.80 24.21 -29.44
CA LYS A 299 -5.05 24.46 -30.16
C LYS A 299 -6.08 25.25 -29.35
N LEU A 300 -5.73 25.59 -28.10
CA LEU A 300 -6.63 26.35 -27.21
C LEU A 300 -7.92 25.57 -26.92
N PRO A 301 -8.76 26.09 -26.02
CA PRO A 301 -10.08 25.45 -25.90
C PRO A 301 -10.94 25.70 -27.14
N GLU B 43 -26.21 -10.60 23.75
CA GLU B 43 -25.01 -11.40 23.60
C GLU B 43 -24.02 -11.15 24.73
N LEU B 44 -24.00 -12.06 25.70
CA LEU B 44 -23.09 -11.95 26.83
C LEU B 44 -22.84 -13.31 27.48
N ASP B 45 -21.60 -13.57 27.87
CA ASP B 45 -21.24 -14.83 28.50
C ASP B 45 -20.71 -14.59 29.91
N GLU B 46 -21.03 -15.52 30.80
CA GLU B 46 -20.69 -15.38 32.23
C GLU B 46 -19.18 -15.27 32.46
N GLN B 47 -18.42 -16.25 31.98
CA GLN B 47 -16.98 -16.27 32.19
C GLN B 47 -16.29 -15.17 31.37
N GLN B 48 -16.87 -14.84 30.22
CA GLN B 48 -16.30 -13.81 29.35
C GLN B 48 -16.52 -12.42 29.92
N ARG B 49 -17.50 -12.29 30.81
CA ARG B 49 -17.74 -11.03 31.51
C ARG B 49 -16.65 -10.80 32.56
N LYS B 50 -16.06 -11.89 33.04
CA LYS B 50 -14.97 -11.82 34.01
C LYS B 50 -13.67 -11.36 33.35
N ARG B 51 -13.33 -11.97 32.22
CA ARG B 51 -12.08 -11.70 31.54
C ARG B 51 -12.02 -10.29 30.96
N LEU B 52 -13.19 -9.75 30.62
CA LEU B 52 -13.27 -8.40 30.06
C LEU B 52 -13.06 -7.34 31.13
N GLU B 53 -13.76 -7.47 32.25
CA GLU B 53 -13.66 -6.48 33.32
C GLU B 53 -12.35 -6.62 34.08
N ALA B 54 -11.66 -7.74 33.87
CA ALA B 54 -10.33 -7.94 34.43
C ALA B 54 -9.30 -7.14 33.63
N PHE B 55 -9.71 -6.72 32.44
CA PHE B 55 -8.86 -5.91 31.57
C PHE B 55 -9.07 -4.42 31.86
N LEU B 56 -10.28 -4.07 32.31
CA LEU B 56 -10.62 -2.69 32.62
C LEU B 56 -9.86 -2.21 33.87
N THR B 57 -9.47 -3.16 34.71
CA THR B 57 -8.75 -2.85 35.94
C THR B 57 -7.30 -2.46 35.66
N GLN B 58 -6.63 -3.27 34.85
CA GLN B 58 -5.22 -3.05 34.53
C GLN B 58 -5.05 -2.01 33.43
N LYS B 59 -6.16 -1.50 32.92
CA LYS B 59 -6.12 -0.46 31.89
C LYS B 59 -6.05 0.92 32.53
N GLN B 60 -6.54 1.02 33.76
CA GLN B 60 -6.49 2.29 34.49
C GLN B 60 -5.20 2.43 35.28
N LYS B 61 -4.34 1.42 35.18
CA LYS B 61 -3.04 1.46 35.85
C LYS B 61 -2.10 2.43 35.15
N VAL B 62 -2.39 2.72 33.88
CA VAL B 62 -1.56 3.61 33.09
C VAL B 62 -2.28 4.91 32.75
N GLY B 63 -1.82 6.01 33.33
CA GLY B 63 -2.38 7.31 33.02
C GLY B 63 -1.97 7.76 31.64
N GLU B 64 -0.67 7.77 31.38
CA GLU B 64 -0.13 8.10 30.07
C GLU B 64 0.99 7.14 29.67
N LEU B 65 1.14 6.94 28.36
CA LEU B 65 2.15 6.02 27.85
C LEU B 65 3.46 6.74 27.55
N LYS B 66 4.55 6.21 28.08
CA LYS B 66 5.88 6.78 27.83
C LYS B 66 6.69 5.85 26.93
N ASP B 67 7.52 6.43 26.09
CA ASP B 67 8.31 5.65 25.13
C ASP B 67 9.38 4.82 25.83
N ASP B 68 9.75 5.22 27.05
CA ASP B 68 10.78 4.53 27.80
C ASP B 68 10.21 3.53 28.80
N ASP B 69 8.89 3.58 28.99
CA ASP B 69 8.22 2.63 29.87
C ASP B 69 8.21 1.23 29.28
N PHE B 70 8.29 1.15 27.95
CA PHE B 70 8.28 -0.13 27.25
C PHE B 70 9.68 -0.64 27.01
N GLU B 71 10.18 -1.46 27.92
CA GLU B 71 11.47 -2.10 27.75
C GLU B 71 11.37 -3.21 26.71
N LYS B 72 12.13 -3.07 25.63
CA LYS B 72 12.07 -4.01 24.50
C LYS B 72 12.41 -5.43 24.92
N ILE B 73 11.59 -6.38 24.48
CA ILE B 73 11.80 -7.79 24.81
C ILE B 73 11.92 -8.63 23.54
N SER B 74 10.86 -8.67 22.74
CA SER B 74 10.86 -9.47 21.52
C SER B 74 10.04 -8.83 20.40
N GLU B 75 9.83 -9.58 19.33
CA GLU B 75 9.12 -9.08 18.16
C GLU B 75 8.15 -10.13 17.60
N LEU B 76 7.00 -9.69 17.11
CA LEU B 76 6.01 -10.59 16.53
C LEU B 76 6.25 -10.77 15.03
N GLY B 77 6.28 -9.66 14.29
CA GLY B 77 6.49 -9.72 12.86
C GLY B 77 6.66 -8.35 12.22
N ALA B 78 6.47 -8.28 10.91
CA ALA B 78 6.60 -7.03 10.17
C ALA B 78 5.79 -7.06 8.88
N GLY B 79 5.49 -5.89 8.34
CA GLY B 79 4.73 -5.78 7.11
C GLY B 79 4.62 -4.35 6.61
N VAL B 83 5.28 -3.53 12.21
CA VAL B 83 6.27 -4.13 13.10
C VAL B 83 5.80 -4.12 14.55
N VAL B 84 5.47 -5.30 15.07
CA VAL B 84 4.92 -5.42 16.42
C VAL B 84 5.98 -5.84 17.42
N PHE B 85 5.83 -5.41 18.66
CA PHE B 85 6.77 -5.77 19.72
C PHE B 85 6.05 -6.29 20.97
N LYS B 86 6.64 -7.30 21.61
CA LYS B 86 6.11 -7.81 22.86
C LYS B 86 6.88 -7.16 24.02
N VAL B 87 6.68 -5.86 24.18
CA VAL B 87 7.41 -5.09 25.19
C VAL B 87 6.85 -5.33 26.60
N SER B 88 7.46 -4.67 27.58
CA SER B 88 7.03 -4.79 28.96
C SER B 88 6.90 -3.43 29.62
N HIS B 89 5.67 -3.04 29.93
CA HIS B 89 5.42 -1.77 30.60
C HIS B 89 5.93 -1.82 32.04
N LYS B 90 6.71 -0.82 32.43
CA LYS B 90 7.36 -0.82 33.74
C LYS B 90 6.49 -0.29 34.89
N PRO B 91 5.79 0.86 34.69
CA PRO B 91 4.96 1.32 35.81
C PRO B 91 3.81 0.37 36.15
N SER B 92 3.05 -0.05 35.15
CA SER B 92 1.92 -0.94 35.38
C SER B 92 2.38 -2.37 35.67
N GLY B 93 3.51 -2.75 35.08
CA GLY B 93 4.02 -4.10 35.24
C GLY B 93 3.20 -5.10 34.46
N LEU B 94 2.94 -4.78 33.19
CA LEU B 94 2.12 -5.63 32.34
C LEU B 94 2.71 -5.74 30.93
N VAL B 95 2.89 -6.97 30.46
CA VAL B 95 3.42 -7.21 29.13
C VAL B 95 2.31 -7.09 28.08
N MET B 96 2.55 -6.31 27.03
CA MET B 96 1.56 -6.10 25.99
C MET B 96 2.20 -6.03 24.61
N ALA B 97 1.38 -5.99 23.58
CA ALA B 97 1.85 -6.00 22.20
C ALA B 97 1.90 -4.59 21.61
N ARG B 98 3.11 -4.02 21.55
CA ARG B 98 3.31 -2.69 20.99
C ARG B 98 3.58 -2.78 19.49
N LYS B 99 2.91 -1.93 18.71
CA LYS B 99 3.04 -1.97 17.25
C LYS B 99 3.41 -0.59 16.70
N LEU B 100 4.51 -0.53 15.95
CA LEU B 100 4.98 0.74 15.40
C LEU B 100 5.52 0.60 13.97
N ILE B 101 5.26 1.60 13.15
CA ILE B 101 5.73 1.64 11.77
C ILE B 101 6.11 3.06 11.37
N HIS B 102 7.25 3.19 10.67
CA HIS B 102 7.78 4.48 10.23
C HIS B 102 6.75 5.40 9.58
N LEU B 103 6.73 6.65 10.02
CA LEU B 103 5.82 7.66 9.49
C LEU B 103 6.40 9.07 9.60
N GLU B 104 6.67 9.69 8.46
CA GLU B 104 7.18 11.06 8.44
C GLU B 104 6.04 12.06 8.28
N ILE B 105 5.51 12.53 9.41
CA ILE B 105 4.40 13.48 9.38
C ILE B 105 4.72 14.73 10.20
N LYS B 106 4.00 15.81 9.92
CA LYS B 106 4.14 17.05 10.68
C LYS B 106 3.19 17.04 11.87
N PRO B 107 3.54 17.77 12.95
CA PRO B 107 2.72 17.83 14.17
C PRO B 107 1.26 18.22 13.94
N ALA B 108 0.98 18.87 12.82
CA ALA B 108 -0.38 19.29 12.50
C ALA B 108 -1.25 18.09 12.09
N ILE B 109 -0.62 17.00 11.71
CA ILE B 109 -1.32 15.81 11.26
C ILE B 109 -1.56 14.83 12.42
N ARG B 110 -0.55 14.65 13.25
CA ARG B 110 -0.61 13.71 14.36
C ARG B 110 -1.68 14.09 15.38
N ASN B 111 -2.02 15.37 15.42
CA ASN B 111 -3.04 15.86 16.35
C ASN B 111 -4.44 15.38 15.98
N GLN B 112 -4.60 14.97 14.72
CA GLN B 112 -5.89 14.49 14.24
C GLN B 112 -5.82 12.99 13.93
N ILE B 113 -4.62 12.44 13.98
CA ILE B 113 -4.44 11.00 13.80
C ILE B 113 -4.77 10.26 15.09
N ILE B 114 -4.16 10.70 16.19
CA ILE B 114 -4.41 10.09 17.49
C ILE B 114 -5.80 10.47 17.98
N ARG B 115 -6.34 11.55 17.44
CA ARG B 115 -7.68 12.01 17.77
C ARG B 115 -8.73 10.96 17.41
N GLU B 116 -8.65 10.43 16.19
CA GLU B 116 -9.59 9.43 15.72
C GLU B 116 -9.14 8.02 16.10
N LEU B 117 -8.07 7.95 16.88
CA LEU B 117 -7.49 6.67 17.27
C LEU B 117 -7.94 6.26 18.66
N GLN B 118 -8.80 7.07 19.26
CA GLN B 118 -9.31 6.80 20.60
C GLN B 118 -10.70 6.17 20.54
N VAL B 119 -11.20 5.96 19.32
CA VAL B 119 -12.51 5.35 19.12
C VAL B 119 -12.48 3.87 19.52
N LEU B 120 -11.29 3.29 19.53
CA LEU B 120 -11.10 1.88 19.83
C LEU B 120 -11.41 1.55 21.29
N HIS B 121 -11.55 2.57 22.13
CA HIS B 121 -11.81 2.37 23.55
C HIS B 121 -13.17 1.72 23.80
N GLU B 122 -14.21 2.23 23.15
CA GLU B 122 -15.55 1.67 23.31
C GLU B 122 -15.71 0.37 22.54
N CYS B 123 -14.71 0.05 21.71
CA CYS B 123 -14.75 -1.16 20.89
C CYS B 123 -14.16 -2.36 21.63
N ASN B 124 -14.43 -2.46 22.93
CA ASN B 124 -14.00 -3.60 23.73
C ASN B 124 -15.00 -4.74 23.63
N SER B 125 -14.52 -5.90 23.20
CA SER B 125 -15.39 -7.03 22.94
C SER B 125 -14.65 -8.34 23.18
N PRO B 126 -15.37 -9.41 23.56
CA PRO B 126 -14.77 -10.72 23.73
C PRO B 126 -14.12 -11.25 22.45
N TYR B 127 -14.51 -10.68 21.31
CA TYR B 127 -13.96 -11.08 20.03
C TYR B 127 -13.15 -9.95 19.38
N ILE B 128 -12.76 -8.98 20.18
CA ILE B 128 -11.94 -7.86 19.72
C ILE B 128 -10.82 -7.58 20.71
N VAL B 129 -9.58 -7.54 20.22
CA VAL B 129 -8.42 -7.27 21.06
C VAL B 129 -8.51 -5.90 21.72
N GLY B 130 -8.57 -5.89 23.05
CA GLY B 130 -8.65 -4.65 23.79
C GLY B 130 -7.35 -3.87 23.76
N PHE B 131 -7.37 -2.71 23.12
CA PHE B 131 -6.18 -1.88 23.01
C PHE B 131 -6.02 -1.02 24.27
N TYR B 132 -4.85 -0.42 24.42
CA TYR B 132 -4.57 0.41 25.58
C TYR B 132 -4.58 1.89 25.22
N GLY B 133 -3.60 2.31 24.43
CA GLY B 133 -3.49 3.70 24.03
C GLY B 133 -2.65 3.90 22.77
N ALA B 134 -2.27 5.15 22.52
CA ALA B 134 -1.46 5.48 21.35
C ALA B 134 -0.68 6.77 21.57
N PHE B 135 0.53 6.82 21.05
CA PHE B 135 1.39 8.00 21.20
C PHE B 135 2.29 8.19 19.98
N TYR B 136 3.29 9.05 20.13
CA TYR B 136 4.23 9.32 19.05
C TYR B 136 5.67 9.17 19.54
N SER B 137 6.52 8.59 18.71
CA SER B 137 7.92 8.37 19.08
C SER B 137 8.86 8.71 17.93
N ASP B 138 9.62 9.78 18.10
CA ASP B 138 10.61 10.22 17.12
C ASP B 138 10.00 10.45 15.74
N GLY B 139 9.84 9.36 14.99
CA GLY B 139 9.27 9.44 13.65
C GLY B 139 8.42 8.23 13.31
N GLU B 140 7.73 7.69 14.30
CA GLU B 140 6.87 6.54 14.10
C GLU B 140 5.79 6.45 15.19
N ILE B 141 4.56 6.21 14.77
CA ILE B 141 3.44 6.10 15.69
C ILE B 141 3.36 4.69 16.28
N SER B 142 3.19 4.60 17.59
CA SER B 142 3.14 3.31 18.28
C SER B 142 1.77 3.04 18.88
N ILE B 143 1.30 1.80 18.74
CA ILE B 143 0.03 1.37 19.33
C ILE B 143 0.20 0.07 20.11
N CYS B 144 -0.17 0.10 21.39
CA CYS B 144 -0.09 -1.10 22.22
C CYS B 144 -1.46 -1.72 22.44
N MET B 145 -1.57 -3.01 22.12
CA MET B 145 -2.83 -3.74 22.25
C MET B 145 -2.66 -4.92 23.20
N GLU B 146 -3.77 -5.61 23.49
CA GLU B 146 -3.75 -6.77 24.35
C GLU B 146 -2.88 -7.87 23.76
N HIS B 147 -1.91 -8.34 24.55
CA HIS B 147 -0.99 -9.37 24.08
C HIS B 147 -1.68 -10.72 23.93
N MET B 148 -1.46 -11.35 22.77
CA MET B 148 -1.99 -12.68 22.51
C MET B 148 -0.81 -13.65 22.35
N ASP B 149 -0.60 -14.48 23.37
CA ASP B 149 0.59 -15.33 23.43
C ASP B 149 0.58 -16.50 22.45
N GLY B 150 -0.43 -16.55 21.59
CA GLY B 150 -0.53 -17.60 20.59
C GLY B 150 -0.24 -17.08 19.20
N GLY B 151 -0.40 -15.79 19.01
CA GLY B 151 -0.15 -15.16 17.72
C GLY B 151 -1.35 -15.20 16.79
N SER B 152 -1.17 -14.65 15.59
CA SER B 152 -2.24 -14.63 14.60
C SER B 152 -2.44 -16.01 14.00
N LEU B 153 -3.56 -16.20 13.30
CA LEU B 153 -3.89 -17.49 12.71
C LEU B 153 -3.02 -17.80 11.49
N ASP B 154 -2.49 -16.77 10.86
CA ASP B 154 -1.62 -16.95 9.70
C ASP B 154 -0.33 -17.65 10.11
N GLN B 155 0.10 -17.41 11.35
CA GLN B 155 1.27 -18.08 11.89
C GLN B 155 0.90 -19.50 12.31
N VAL B 156 -0.28 -19.65 12.91
CA VAL B 156 -0.77 -20.94 13.36
C VAL B 156 -1.00 -21.89 12.18
N LEU B 157 -1.60 -21.35 11.12
CA LEU B 157 -1.86 -22.12 9.91
C LEU B 157 -0.56 -22.61 9.27
N LYS B 158 0.48 -21.78 9.34
CA LYS B 158 1.77 -22.10 8.75
C LYS B 158 2.49 -23.17 9.58
N LYS B 159 2.12 -23.30 10.84
CA LYS B 159 2.73 -24.28 11.73
C LYS B 159 1.99 -25.61 11.70
N ALA B 160 0.68 -25.57 11.91
CA ALA B 160 -0.12 -26.79 11.98
C ALA B 160 -0.43 -27.36 10.60
N GLY B 161 -0.08 -26.62 9.55
CA GLY B 161 -0.34 -27.05 8.19
C GLY B 161 -1.76 -26.77 7.78
N ARG B 162 -2.69 -27.62 8.22
CA ARG B 162 -4.11 -27.41 7.95
C ARG B 162 -4.92 -27.51 9.22
N ILE B 163 -5.84 -26.57 9.41
CA ILE B 163 -6.66 -26.50 10.62
C ILE B 163 -7.96 -27.29 10.46
N PRO B 164 -8.25 -28.18 11.42
CA PRO B 164 -9.46 -29.01 11.43
C PRO B 164 -10.76 -28.21 11.29
N GLU B 165 -11.78 -28.85 10.74
CA GLU B 165 -13.06 -28.21 10.51
C GLU B 165 -13.75 -27.83 11.82
N GLN B 166 -13.60 -28.67 12.83
CA GLN B 166 -14.22 -28.46 14.13
C GLN B 166 -13.78 -27.14 14.76
N ILE B 167 -12.51 -26.79 14.56
CA ILE B 167 -11.94 -25.57 15.10
C ILE B 167 -12.38 -24.34 14.32
N LEU B 168 -12.44 -24.48 13.00
CA LEU B 168 -12.85 -23.40 12.11
C LEU B 168 -14.27 -22.95 12.40
N GLY B 169 -15.08 -23.84 12.96
CA GLY B 169 -16.44 -23.52 13.32
C GLY B 169 -16.50 -22.52 14.46
N LYS B 170 -15.64 -22.72 15.45
CA LYS B 170 -15.56 -21.80 16.58
C LYS B 170 -15.01 -20.44 16.17
N VAL B 171 -14.06 -20.47 15.24
CA VAL B 171 -13.45 -19.23 14.75
C VAL B 171 -14.45 -18.46 13.89
N SER B 172 -15.29 -19.19 13.16
CA SER B 172 -16.28 -18.59 12.28
C SER B 172 -17.28 -17.72 13.04
N ILE B 173 -17.71 -18.20 14.20
CA ILE B 173 -18.66 -17.46 15.03
C ILE B 173 -18.02 -16.20 15.60
N ALA B 174 -16.72 -16.30 15.91
CA ALA B 174 -15.99 -15.18 16.49
C ALA B 174 -15.92 -14.00 15.54
N VAL B 175 -15.81 -14.29 14.25
CA VAL B 175 -15.71 -13.25 13.23
C VAL B 175 -17.05 -12.56 13.02
N ILE B 176 -18.13 -13.33 13.02
CA ILE B 176 -19.46 -12.81 12.79
C ILE B 176 -19.86 -11.78 13.85
N LYS B 177 -19.73 -12.15 15.12
CA LYS B 177 -20.06 -11.24 16.21
C LYS B 177 -19.11 -10.04 16.26
N GLY B 178 -17.87 -10.26 15.83
CA GLY B 178 -16.87 -9.20 15.81
C GLY B 178 -17.24 -8.10 14.84
N LEU B 179 -17.78 -8.47 13.69
CA LEU B 179 -18.19 -7.52 12.67
C LEU B 179 -19.52 -6.88 13.01
N THR B 180 -20.39 -7.65 13.65
CA THR B 180 -21.72 -7.16 14.03
C THR B 180 -21.61 -6.13 15.14
N TYR B 181 -20.78 -6.41 16.13
CA TYR B 181 -20.58 -5.50 17.26
C TYR B 181 -19.96 -4.18 16.79
N LEU B 182 -19.11 -4.26 15.78
CA LEU B 182 -18.44 -3.07 15.24
C LEU B 182 -19.37 -2.22 14.39
N ARG B 183 -20.32 -2.86 13.71
CA ARG B 183 -21.19 -2.17 12.76
C ARG B 183 -22.46 -1.64 13.42
N GLU B 184 -22.93 -2.34 14.45
CA GLU B 184 -24.19 -1.96 15.09
C GLU B 184 -24.00 -0.94 16.21
N LYS B 185 -22.88 -1.01 16.91
CA LYS B 185 -22.65 -0.16 18.07
C LYS B 185 -21.62 0.94 17.80
N HIS B 186 -20.96 0.88 16.65
CA HIS B 186 -19.92 1.84 16.32
C HIS B 186 -20.03 2.32 14.87
N LYS B 187 -20.90 1.68 14.10
CA LYS B 187 -21.11 2.00 12.69
C LYS B 187 -19.81 1.90 11.90
N ILE B 188 -18.98 0.92 12.27
CA ILE B 188 -17.68 0.75 11.64
C ILE B 188 -17.47 -0.68 11.17
N MET B 189 -17.01 -0.85 9.94
CA MET B 189 -16.70 -2.18 9.41
C MET B 189 -15.20 -2.46 9.51
N HIS B 190 -14.82 -3.70 9.23
CA HIS B 190 -13.43 -4.13 9.39
C HIS B 190 -12.56 -3.69 8.21
N ARG B 191 -13.16 -3.67 7.02
CA ARG B 191 -12.52 -3.20 5.78
C ARG B 191 -11.33 -4.06 5.32
N ASP B 192 -10.85 -4.96 6.17
CA ASP B 192 -9.71 -5.81 5.83
C ASP B 192 -9.63 -7.02 6.74
N VAL B 193 -10.10 -8.17 6.25
CA VAL B 193 -10.06 -9.41 7.03
C VAL B 193 -9.02 -10.38 6.47
N LYS B 194 -8.02 -10.69 7.28
CA LYS B 194 -6.97 -11.63 6.89
C LYS B 194 -6.73 -12.66 7.99
N PRO B 195 -6.17 -13.82 7.63
CA PRO B 195 -5.77 -14.81 8.63
C PRO B 195 -4.73 -14.27 9.61
N SER B 196 -4.02 -13.22 9.21
CA SER B 196 -3.02 -12.60 10.06
C SER B 196 -3.64 -11.49 10.92
N ASN B 197 -4.93 -11.27 10.75
CA ASN B 197 -5.65 -10.24 11.50
C ASN B 197 -6.57 -10.83 12.56
N ILE B 198 -6.50 -12.15 12.74
CA ILE B 198 -7.27 -12.82 13.79
C ILE B 198 -6.34 -13.37 14.86
N LEU B 199 -6.30 -12.68 16.00
CA LEU B 199 -5.40 -13.06 17.08
C LEU B 199 -6.01 -14.13 17.99
N VAL B 200 -5.16 -15.00 18.50
CA VAL B 200 -5.59 -16.10 19.36
C VAL B 200 -4.58 -16.31 20.49
N ASN B 201 -5.08 -16.40 21.72
CA ASN B 201 -4.22 -16.63 22.88
C ASN B 201 -4.37 -18.03 23.45
N SER B 202 -3.57 -18.34 24.46
CA SER B 202 -3.62 -19.66 25.11
C SER B 202 -4.74 -19.72 26.15
N ARG B 203 -5.46 -18.62 26.30
CA ARG B 203 -6.57 -18.55 27.25
C ARG B 203 -7.86 -19.05 26.59
N GLY B 204 -7.81 -19.25 25.28
CA GLY B 204 -8.94 -19.77 24.54
C GLY B 204 -9.73 -18.71 23.83
N GLU B 205 -9.32 -17.46 23.98
CA GLU B 205 -10.03 -16.33 23.38
C GLU B 205 -9.69 -16.18 21.90
N ILE B 206 -10.69 -15.83 21.10
CA ILE B 206 -10.50 -15.54 19.68
C ILE B 206 -10.95 -14.12 19.38
N LYS B 207 -9.98 -13.23 19.14
CA LYS B 207 -10.29 -11.82 18.93
C LYS B 207 -9.76 -11.29 17.60
N LEU B 208 -10.33 -10.16 17.15
CA LEU B 208 -9.91 -9.51 15.92
C LEU B 208 -8.97 -8.35 16.22
N CYS B 209 -8.29 -7.87 15.18
CA CYS B 209 -7.35 -6.76 15.32
C CYS B 209 -7.09 -6.06 14.00
N ASP B 210 -6.59 -4.83 14.09
CA ASP B 210 -6.19 -4.04 12.92
C ASP B 210 -7.33 -3.88 11.90
N PHE B 211 -8.27 -3.00 12.21
CA PHE B 211 -9.37 -2.70 11.29
C PHE B 211 -9.49 -1.20 11.05
N GLY B 212 -10.07 -0.84 9.91
CA GLY B 212 -10.21 0.56 9.54
C GLY B 212 -11.13 1.34 10.45
N VAL B 213 -10.58 2.31 11.16
CA VAL B 213 -11.36 3.16 12.05
C VAL B 213 -10.86 4.61 11.99
N SER B 214 -9.54 4.78 12.00
CA SER B 214 -8.94 6.10 11.90
C SER B 214 -8.60 6.42 10.45
N GLY B 215 -9.55 7.04 9.76
CA GLY B 215 -9.39 7.36 8.35
C GLY B 215 -8.30 8.40 8.08
N GLN B 216 -7.92 9.14 9.11
CA GLN B 216 -6.90 10.16 8.98
C GLN B 216 -5.51 9.52 8.90
N LEU B 217 -5.33 8.42 9.63
CA LEU B 217 -4.06 7.70 9.67
C LEU B 217 -3.81 6.96 8.37
N ILE B 218 -4.88 6.51 7.72
CA ILE B 218 -4.76 5.71 6.51
C ILE B 218 -4.10 6.47 5.37
N ASP B 219 -4.39 7.76 5.26
CA ASP B 219 -3.80 8.60 4.23
C ASP B 219 -2.31 8.83 4.47
N SER B 220 -1.91 8.78 5.74
CA SER B 220 -0.51 8.98 6.10
C SER B 220 0.34 7.79 5.66
N MET B 221 -0.25 6.60 5.67
CA MET B 221 0.45 5.38 5.26
C MET B 221 0.68 5.35 3.76
N ALA B 222 1.59 6.18 3.28
CA ALA B 222 1.94 6.19 1.86
C ALA B 222 2.78 4.97 1.51
N ASN B 223 2.91 4.70 0.21
CA ASN B 223 3.60 3.52 -0.33
C ASN B 223 3.44 2.25 0.51
N SER B 224 2.30 1.59 0.38
CA SER B 224 2.02 0.38 1.14
C SER B 224 2.25 -0.87 0.30
N PHE B 225 2.51 -1.99 0.98
CA PHE B 225 2.77 -3.25 0.30
C PHE B 225 1.48 -3.85 -0.27
N VAL B 226 1.61 -4.60 -1.36
CA VAL B 226 0.46 -5.23 -2.00
C VAL B 226 0.29 -6.67 -1.52
N GLY B 227 1.10 -7.56 -2.07
CA GLY B 227 1.08 -8.96 -1.67
C GLY B 227 0.76 -9.92 -2.79
N THR B 228 1.27 -11.13 -2.68
CA THR B 228 1.00 -12.18 -3.65
C THR B 228 -0.29 -12.93 -3.33
N ARG B 229 -0.82 -12.68 -2.13
CA ARG B 229 -2.06 -13.30 -1.70
C ARG B 229 -3.07 -12.23 -1.29
N SER B 230 -4.12 -12.09 -2.08
CA SER B 230 -5.13 -11.05 -1.84
C SER B 230 -6.44 -11.61 -1.31
N TYR B 231 -7.06 -10.89 -0.39
CA TYR B 231 -8.35 -11.28 0.16
C TYR B 231 -9.40 -10.24 -0.20
N MET B 232 -9.13 -9.48 -1.26
CA MET B 232 -10.03 -8.45 -1.74
C MET B 232 -11.30 -9.05 -2.33
N SER B 233 -12.43 -8.39 -2.09
CA SER B 233 -13.70 -8.79 -2.68
C SER B 233 -13.82 -8.21 -4.09
N PRO B 234 -14.44 -8.97 -5.00
CA PRO B 234 -14.56 -8.59 -6.42
C PRO B 234 -15.19 -7.21 -6.64
N GLU B 235 -16.08 -6.80 -5.75
CA GLU B 235 -16.75 -5.51 -5.91
C GLU B 235 -15.83 -4.34 -5.57
N ARG B 236 -14.86 -4.58 -4.69
CA ARG B 236 -13.90 -3.54 -4.33
C ARG B 236 -12.83 -3.39 -5.40
N LEU B 237 -12.50 -4.49 -6.07
CA LEU B 237 -11.53 -4.47 -7.15
C LEU B 237 -12.07 -3.72 -8.35
N GLN B 238 -13.39 -3.65 -8.44
CA GLN B 238 -14.07 -2.96 -9.54
C GLN B 238 -14.37 -1.51 -9.19
N GLY B 239 -14.12 -1.15 -7.94
CA GLY B 239 -14.28 0.22 -7.50
C GLY B 239 -15.66 0.55 -6.97
N THR B 240 -16.58 -0.40 -7.04
CA THR B 240 -17.95 -0.19 -6.56
C THR B 240 -17.98 -0.08 -5.04
N HIS B 241 -19.06 0.48 -4.51
CA HIS B 241 -19.22 0.65 -3.07
C HIS B 241 -19.28 -0.70 -2.38
N TYR B 242 -18.68 -0.77 -1.19
CA TYR B 242 -18.62 -2.02 -0.44
C TYR B 242 -19.32 -1.91 0.91
N SER B 243 -20.05 -2.96 1.27
CA SER B 243 -20.73 -3.01 2.56
C SER B 243 -19.96 -3.89 3.54
N VAL B 244 -20.60 -4.25 4.65
CA VAL B 244 -19.98 -5.12 5.64
C VAL B 244 -19.92 -6.55 5.11
N GLN B 245 -20.64 -6.80 4.02
CA GLN B 245 -20.65 -8.10 3.39
C GLN B 245 -19.40 -8.32 2.54
N SER B 246 -18.63 -7.26 2.36
CA SER B 246 -17.36 -7.36 1.64
C SER B 246 -16.31 -8.06 2.51
N ASP B 247 -16.44 -7.90 3.82
CA ASP B 247 -15.57 -8.57 4.78
C ASP B 247 -15.93 -10.04 4.88
N ILE B 248 -17.17 -10.36 4.53
CA ILE B 248 -17.65 -11.73 4.53
C ILE B 248 -16.93 -12.54 3.46
N TRP B 249 -16.73 -11.93 2.30
CA TRP B 249 -15.94 -12.55 1.23
C TRP B 249 -14.53 -12.87 1.73
N SER B 250 -13.94 -11.91 2.43
CA SER B 250 -12.59 -12.08 2.97
C SER B 250 -12.56 -13.19 4.01
N MET B 251 -13.65 -13.32 4.76
CA MET B 251 -13.77 -14.37 5.77
C MET B 251 -13.85 -15.74 5.12
N GLY B 252 -14.69 -15.85 4.10
CA GLY B 252 -14.87 -17.10 3.38
C GLY B 252 -13.62 -17.53 2.63
N LEU B 253 -12.97 -16.58 1.96
CA LEU B 253 -11.75 -16.85 1.22
C LEU B 253 -10.64 -17.29 2.16
N SER B 254 -10.66 -16.76 3.38
CA SER B 254 -9.70 -17.13 4.39
C SER B 254 -9.92 -18.58 4.84
N LEU B 255 -11.15 -18.89 5.24
CA LEU B 255 -11.52 -20.21 5.74
C LEU B 255 -11.10 -21.35 4.84
N VAL B 256 -11.18 -21.12 3.53
CA VAL B 256 -10.75 -22.12 2.56
C VAL B 256 -9.26 -22.37 2.68
N GLU B 257 -8.49 -21.30 2.86
CA GLU B 257 -7.04 -21.40 3.03
C GLU B 257 -6.68 -22.05 4.36
N MET B 258 -7.48 -21.77 5.38
CA MET B 258 -7.24 -22.35 6.71
C MET B 258 -7.49 -23.85 6.70
N ALA B 259 -8.37 -24.30 5.82
CA ALA B 259 -8.80 -25.69 5.79
C ALA B 259 -7.87 -26.58 4.97
N VAL B 260 -7.32 -26.04 3.89
CA VAL B 260 -6.47 -26.83 2.99
C VAL B 260 -4.99 -26.54 3.17
N GLY B 261 -4.68 -25.45 3.88
CA GLY B 261 -3.29 -25.08 4.12
C GLY B 261 -2.62 -24.49 2.89
N ARG B 262 -3.42 -23.87 2.02
CA ARG B 262 -2.92 -23.26 0.80
C ARG B 262 -3.87 -22.17 0.32
N TYR B 263 -3.33 -21.10 -0.23
CA TYR B 263 -4.14 -20.03 -0.80
C TYR B 263 -4.97 -20.55 -1.97
N PRO B 264 -6.30 -20.36 -1.90
CA PRO B 264 -7.29 -20.94 -2.81
C PRO B 264 -7.12 -20.59 -4.29
N ILE B 265 -6.56 -19.41 -4.57
CA ILE B 265 -6.47 -18.93 -5.95
C ILE B 265 -5.04 -18.97 -6.49
N PRO B 266 -4.83 -19.69 -7.60
CA PRO B 266 -5.84 -20.44 -8.35
C PRO B 266 -6.05 -21.85 -7.77
N PRO B 267 -7.21 -22.46 -8.04
CA PRO B 267 -7.54 -23.81 -7.56
C PRO B 267 -6.45 -24.83 -7.90
N PRO B 268 -6.21 -25.78 -6.98
CA PRO B 268 -5.17 -26.81 -7.12
C PRO B 268 -5.33 -27.67 -8.38
N ASP B 269 -4.27 -28.39 -8.74
CA ASP B 269 -4.29 -29.24 -9.92
C ASP B 269 -5.09 -30.52 -9.67
N ALA B 270 -4.93 -31.49 -10.57
CA ALA B 270 -5.62 -32.77 -10.43
C ALA B 270 -4.74 -33.78 -9.70
N LYS B 271 -3.47 -33.42 -9.52
CA LYS B 271 -2.52 -34.30 -8.83
C LYS B 271 -2.09 -33.71 -7.49
N GLU B 272 -2.19 -32.38 -7.37
CA GLU B 272 -1.78 -31.70 -6.15
C GLU B 272 -2.71 -32.02 -4.98
N LEU B 273 -4.01 -31.97 -5.23
CA LEU B 273 -4.99 -32.23 -4.18
C LEU B 273 -5.01 -33.70 -3.78
N GLU B 274 -4.52 -34.56 -4.66
CA GLU B 274 -4.47 -35.99 -4.40
C GLU B 274 -3.31 -36.34 -3.47
N LEU B 275 -2.34 -35.43 -3.39
CA LEU B 275 -1.19 -35.62 -2.51
C LEU B 275 -1.14 -34.55 -1.43
N MET B 276 -2.31 -34.14 -0.97
CA MET B 276 -2.39 -33.14 0.10
C MET B 276 -3.43 -33.53 1.15
N PHE B 277 -3.94 -34.76 1.05
CA PHE B 277 -4.91 -35.25 2.03
C PHE B 277 -4.22 -36.07 3.10
N GLY B 278 -4.67 -35.92 4.34
CA GLY B 278 -4.09 -36.62 5.47
C GLY B 278 -4.08 -35.77 6.72
N CYS B 279 -2.92 -35.69 7.37
CA CYS B 279 -2.78 -34.90 8.59
C CYS B 279 -1.48 -34.12 8.60
N PRO B 309 3.80 -18.83 -9.89
CA PRO B 309 4.54 -17.79 -10.61
C PRO B 309 3.62 -16.91 -11.46
N MET B 310 2.74 -16.17 -10.81
CA MET B 310 1.79 -15.30 -11.51
C MET B 310 1.98 -13.83 -11.16
N ALA B 311 1.51 -12.95 -12.04
CA ALA B 311 1.55 -11.53 -11.77
C ALA B 311 0.40 -11.14 -10.83
N ILE B 312 0.48 -9.94 -10.26
CA ILE B 312 -0.53 -9.49 -9.32
C ILE B 312 -1.86 -9.25 -10.00
N PHE B 313 -1.83 -8.64 -11.18
CA PHE B 313 -3.04 -8.31 -11.92
C PHE B 313 -3.81 -9.56 -12.34
N GLU B 314 -3.08 -10.61 -12.70
CA GLU B 314 -3.71 -11.87 -13.12
C GLU B 314 -4.44 -12.51 -11.95
N LEU B 315 -3.91 -12.33 -10.75
CA LEU B 315 -4.55 -12.83 -9.53
C LEU B 315 -5.86 -12.11 -9.28
N LEU B 316 -5.82 -10.78 -9.32
CA LEU B 316 -6.99 -9.95 -9.07
C LEU B 316 -8.06 -10.15 -10.13
N ASP B 317 -7.63 -10.35 -11.37
CA ASP B 317 -8.55 -10.54 -12.48
C ASP B 317 -9.25 -11.89 -12.39
N TYR B 318 -8.56 -12.86 -11.80
CA TYR B 318 -9.12 -14.20 -11.62
C TYR B 318 -10.24 -14.16 -10.57
N ILE B 319 -10.14 -13.23 -9.64
CA ILE B 319 -11.16 -13.06 -8.61
C ILE B 319 -12.44 -12.51 -9.20
N VAL B 320 -12.30 -11.72 -10.27
CA VAL B 320 -13.44 -11.03 -10.86
C VAL B 320 -14.17 -11.85 -11.91
N ASN B 321 -13.46 -12.31 -12.94
CA ASN B 321 -14.10 -12.94 -14.10
C ASN B 321 -14.05 -14.46 -14.11
N GLU B 322 -13.52 -15.05 -13.04
CA GLU B 322 -13.43 -16.50 -12.95
C GLU B 322 -14.17 -17.03 -11.71
N PRO B 323 -14.73 -18.25 -11.81
CA PRO B 323 -15.50 -18.90 -10.73
C PRO B 323 -14.78 -18.90 -9.38
N PRO B 324 -15.54 -18.69 -8.30
CA PRO B 324 -15.03 -18.62 -6.93
C PRO B 324 -14.40 -19.92 -6.46
N PRO B 325 -13.50 -19.84 -5.46
CA PRO B 325 -12.89 -21.03 -4.84
C PRO B 325 -13.94 -21.93 -4.20
N LYS B 326 -13.59 -23.20 -4.01
CA LYS B 326 -14.51 -24.17 -3.44
C LYS B 326 -13.80 -25.13 -2.50
N LEU B 327 -14.52 -25.60 -1.49
CA LEU B 327 -13.98 -26.60 -0.57
C LEU B 327 -14.05 -27.98 -1.20
N PRO B 328 -13.02 -28.81 -0.95
CA PRO B 328 -12.96 -30.19 -1.44
C PRO B 328 -14.14 -31.03 -0.95
N SER B 329 -14.73 -31.82 -1.84
CA SER B 329 -15.87 -32.65 -1.48
C SER B 329 -15.45 -33.79 -0.55
N ALA B 330 -16.45 -34.51 -0.03
CA ALA B 330 -16.24 -35.69 0.81
C ALA B 330 -15.53 -35.39 2.12
N VAL B 331 -14.38 -34.73 2.05
CA VAL B 331 -13.56 -34.43 3.22
C VAL B 331 -14.32 -33.63 4.28
N PHE B 332 -14.80 -32.46 3.89
CA PHE B 332 -15.54 -31.60 4.81
C PHE B 332 -17.05 -31.88 4.73
N SER B 333 -17.75 -31.65 5.83
CA SER B 333 -19.20 -31.84 5.87
C SER B 333 -19.91 -30.87 4.94
N LEU B 334 -21.11 -31.24 4.51
CA LEU B 334 -21.87 -30.42 3.57
C LEU B 334 -22.26 -29.07 4.17
N GLU B 335 -22.34 -29.03 5.50
CA GLU B 335 -22.68 -27.80 6.21
C GLU B 335 -21.56 -26.76 6.04
N PHE B 336 -20.33 -27.22 6.16
CA PHE B 336 -19.17 -26.34 6.05
C PHE B 336 -18.89 -25.97 4.60
N GLN B 337 -19.19 -26.88 3.69
CA GLN B 337 -19.03 -26.63 2.26
C GLN B 337 -19.98 -25.53 1.82
N ASP B 338 -21.23 -25.62 2.26
CA ASP B 338 -22.25 -24.64 1.91
C ASP B 338 -21.97 -23.28 2.56
N PHE B 339 -21.34 -23.31 3.73
CA PHE B 339 -21.08 -22.09 4.48
C PHE B 339 -20.14 -21.15 3.73
N VAL B 340 -19.02 -21.69 3.25
CA VAL B 340 -18.03 -20.88 2.55
C VAL B 340 -18.53 -20.47 1.16
N ASN B 341 -19.46 -21.25 0.62
CA ASN B 341 -20.00 -20.97 -0.71
C ASN B 341 -20.99 -19.81 -0.68
N LYS B 342 -21.66 -19.64 0.46
CA LYS B 342 -22.59 -18.53 0.65
C LYS B 342 -21.82 -17.22 0.81
N CYS B 343 -20.56 -17.33 1.20
CA CYS B 343 -19.71 -16.16 1.43
C CYS B 343 -18.98 -15.77 0.15
N LEU B 344 -18.57 -16.76 -0.63
CA LEU B 344 -17.77 -16.51 -1.82
C LEU B 344 -18.61 -16.29 -3.06
N ILE B 345 -19.82 -15.74 -2.89
CA ILE B 345 -20.64 -15.37 -4.03
C ILE B 345 -20.14 -14.06 -4.62
N LYS B 346 -19.79 -14.07 -5.91
CA LYS B 346 -19.22 -12.91 -6.56
C LYS B 346 -20.18 -11.72 -6.58
N ASN B 347 -21.47 -12.00 -6.45
CA ASN B 347 -22.47 -10.94 -6.38
C ASN B 347 -22.84 -10.63 -4.93
N PRO B 348 -22.46 -9.44 -4.44
CA PRO B 348 -22.70 -9.02 -3.06
C PRO B 348 -24.19 -8.98 -2.69
N ALA B 349 -25.05 -8.78 -3.68
CA ALA B 349 -26.48 -8.71 -3.45
C ALA B 349 -27.05 -10.05 -3.01
N GLU B 350 -26.66 -11.11 -3.71
CA GLU B 350 -27.13 -12.46 -3.43
C GLU B 350 -26.24 -13.13 -2.38
N ARG B 351 -25.15 -12.45 -2.01
CA ARG B 351 -24.24 -12.96 -0.99
C ARG B 351 -24.89 -12.89 0.39
N ALA B 352 -24.57 -13.86 1.24
CA ALA B 352 -25.12 -13.90 2.59
C ALA B 352 -24.64 -12.72 3.42
N ASP B 353 -25.46 -12.29 4.38
CA ASP B 353 -25.10 -11.20 5.26
C ASP B 353 -24.81 -11.71 6.67
N LEU B 354 -24.51 -10.80 7.58
CA LEU B 354 -24.15 -11.16 8.95
C LEU B 354 -25.30 -11.87 9.68
N LYS B 355 -26.53 -11.59 9.26
CA LYS B 355 -27.72 -12.21 9.86
C LYS B 355 -27.94 -13.62 9.33
N GLN B 356 -27.79 -13.79 8.03
CA GLN B 356 -28.00 -15.09 7.39
C GLN B 356 -26.94 -16.10 7.82
N LEU B 357 -25.71 -15.64 8.00
CA LEU B 357 -24.62 -16.50 8.43
C LEU B 357 -24.81 -16.96 9.87
N MET B 358 -25.43 -16.12 10.68
CA MET B 358 -25.62 -16.40 12.09
C MET B 358 -26.59 -17.56 12.32
N VAL B 359 -27.49 -17.78 11.35
CA VAL B 359 -28.48 -18.83 11.46
C VAL B 359 -28.26 -19.95 10.43
N HIS B 360 -27.03 -20.07 9.95
CA HIS B 360 -26.68 -21.11 8.99
C HIS B 360 -26.54 -22.46 9.69
N ALA B 361 -26.70 -23.53 8.92
CA ALA B 361 -26.64 -24.88 9.47
C ALA B 361 -25.27 -25.21 10.08
N PHE B 362 -24.21 -24.67 9.48
CA PHE B 362 -22.86 -24.94 9.96
C PHE B 362 -22.57 -24.21 11.27
N ILE B 363 -23.07 -22.99 11.40
CA ILE B 363 -22.86 -22.19 12.60
C ILE B 363 -23.64 -22.74 13.78
N LYS B 364 -24.92 -23.03 13.57
CA LYS B 364 -25.78 -23.54 14.62
C LYS B 364 -25.28 -24.88 15.16
N ARG B 365 -24.64 -25.66 14.30
CA ARG B 365 -24.08 -26.94 14.70
C ARG B 365 -22.77 -26.76 15.45
N SER B 366 -21.96 -25.81 14.99
CA SER B 366 -20.66 -25.55 15.59
C SER B 366 -20.78 -24.70 16.86
N ASP B 367 -21.94 -24.10 17.05
CA ASP B 367 -22.18 -23.28 18.23
C ASP B 367 -22.34 -24.15 19.47
N ALA B 368 -22.82 -25.38 19.27
CA ALA B 368 -23.04 -26.31 20.37
C ALA B 368 -21.89 -27.31 20.49
N GLU B 369 -20.88 -27.17 19.64
CA GLU B 369 -19.72 -28.06 19.67
C GLU B 369 -18.86 -27.80 20.91
N GLU B 370 -18.18 -28.84 21.36
CA GLU B 370 -17.29 -28.73 22.51
C GLU B 370 -15.86 -29.11 22.13
N VAL B 371 -15.05 -28.10 21.85
CA VAL B 371 -13.68 -28.32 21.40
C VAL B 371 -12.67 -27.65 22.33
N ASP B 372 -11.66 -28.42 22.74
CA ASP B 372 -10.57 -27.87 23.53
C ASP B 372 -9.69 -26.98 22.65
N PHE B 373 -10.14 -25.74 22.44
CA PHE B 373 -9.47 -24.81 21.56
C PHE B 373 -8.07 -24.46 22.06
N ALA B 374 -7.95 -24.18 23.34
CA ALA B 374 -6.67 -23.86 23.95
C ALA B 374 -5.81 -25.12 24.10
N GLY B 375 -6.48 -26.27 24.21
CA GLY B 375 -5.80 -27.54 24.36
C GLY B 375 -5.12 -27.97 23.07
N TRP B 376 -5.81 -27.79 21.95
CA TRP B 376 -5.26 -28.15 20.65
C TRP B 376 -4.21 -27.14 20.22
N LEU B 377 -4.37 -25.89 20.65
CA LEU B 377 -3.45 -24.82 20.31
C LEU B 377 -2.09 -25.03 20.98
N CYS B 378 -2.12 -25.29 22.28
CA CYS B 378 -0.90 -25.48 23.05
C CYS B 378 -0.24 -26.83 22.76
N SER B 379 -0.95 -27.68 22.02
CA SER B 379 -0.42 -28.97 21.60
C SER B 379 0.30 -28.84 20.26
N THR B 380 0.36 -27.60 19.75
CA THR B 380 0.98 -27.33 18.46
C THR B 380 2.09 -26.30 18.59
N ILE B 381 1.87 -25.29 19.41
CA ILE B 381 2.83 -24.20 19.58
C ILE B 381 3.45 -24.18 20.98
N GLY B 382 2.93 -25.02 21.88
CA GLY B 382 3.49 -25.14 23.21
C GLY B 382 2.73 -24.37 24.28
N LEU B 383 3.24 -24.46 25.51
CA LEU B 383 2.65 -23.78 26.67
C LEU B 383 1.20 -24.19 26.89
C4 6U7 C . 16.24 18.42 -5.69
C5 6U7 C . 15.59 19.34 -4.89
C6 6U7 C . 15.52 20.68 -5.27
N1 6U7 C . 16.11 21.07 -6.41
N3 6U7 C . 16.83 18.79 -6.83
CBB 6U7 C . 14.12 23.36 -2.51
OBA 6U7 C . 13.60 22.03 -2.44
CAG 6U7 C . 14.27 21.19 -3.29
CAF 6U7 C . 14.87 21.61 -4.47
CAH 6U7 C . 14.32 19.86 -2.90
OAY 6U7 C . 13.71 19.54 -1.73
CAZ 6U7 C . 13.14 18.23 -1.78
CAC 6U7 C . 14.98 18.93 -3.70
C2 6U7 C . 16.77 20.14 -7.21
NAK 6U7 C . 16.26 17.17 -5.25
CAL 6U7 C . 16.67 16.19 -6.06
CAQ 6U7 C . 18.03 15.86 -6.02
CBC 6U7 C . 18.91 16.51 -5.16
CAP 6U7 C . 18.49 14.84 -6.84
CAM 6U7 C . 15.81 15.53 -6.91
CAN 6U7 C . 16.29 14.51 -7.73
CAO 6U7 C . 17.64 14.17 -7.70
OAR 6U7 C . 18.14 13.17 -8.48
CAS 6U7 C . 18.10 13.39 -9.82
CAT 6U7 C . 17.95 12.31 -10.67
CAU 6U7 C . 17.91 12.50 -12.05
CAV 6U7 C . 18.01 13.78 -12.58
CAW 6U7 C . 18.16 14.87 -11.72
CAX 6U7 C . 18.20 14.68 -10.35
#